data_8Y0V
#
_entry.id   8Y0V
#
_cell.length_a   82.415
_cell.length_b   82.415
_cell.length_c   63.472
_cell.angle_alpha   90.000
_cell.angle_beta   90.000
_cell.angle_gamma   120.000
#
_symmetry.space_group_name_H-M   'P 63'
#
loop_
_entity.id
_entity.type
_entity.pdbx_description
1 polymer 'Egl nine homolog 1'
2 non-polymer '~{tert}-butyl 4-[6-[(6-cyanopyridin-3-yl)methylcarbamoyl]-5-oxidanyl-1,7-naphthyridin-2-yl]piperazine-1-carboxylate'
3 non-polymer 'MANGANESE (II) ION'
4 water water
#
_entity_poly.entity_id   1
_entity_poly.type   'polypeptide(L)'
_entity_poly.pdbx_seq_one_letter_code
;PNGQTKPLPALKLALEYIVPCMNKHGICVVDDFLGKETGQQIGDEVRALHDTGKFTDGQLVSQKSDSSKDIRGDKITWIE
GKEPGCETIGLLMSSMDDLIRHCNGKLGSYKINGRTKAMVACYPGNGTGYVRHVDNPNGDGRCVTCIYYLNKDWDAKVSG
GILRIFPEGKAQFADIEPKFDRLLFFWSDRRNPHEVQPAYATRYAITVWYFDADERARAKVKYLTGEKGVRVELNKPSDS
VGKDVF
;
_entity_poly.pdbx_strand_id   A
#
# COMPACT_ATOMS: atom_id res chain seq x y z
N PRO A 9 9.59 12.10 13.17
CA PRO A 9 8.54 12.09 14.18
C PRO A 9 7.39 11.15 13.82
N ALA A 10 7.68 9.85 13.86
CA ALA A 10 6.72 8.81 13.50
C ALA A 10 5.66 8.67 14.59
N LEU A 11 6.04 8.96 15.84
CA LEU A 11 5.14 8.83 16.98
C LEU A 11 4.06 9.90 16.90
N LYS A 12 4.43 11.12 16.51
CA LYS A 12 3.47 12.18 16.27
C LYS A 12 2.55 11.77 15.12
N LEU A 13 3.16 11.40 13.99
CA LEU A 13 2.44 11.09 12.76
C LEU A 13 1.38 10.02 13.02
N ALA A 14 1.83 8.87 13.55
CA ALA A 14 0.96 7.72 13.76
C ALA A 14 -0.22 8.09 14.67
N LEU A 15 0.09 8.72 15.81
CA LEU A 15 -0.88 8.90 16.88
C LEU A 15 -1.83 10.05 16.57
N GLU A 16 -1.31 11.13 15.95
CA GLU A 16 -2.10 12.34 15.75
C GLU A 16 -2.87 12.27 14.43
N TYR A 17 -2.30 11.62 13.40
CA TYR A 17 -2.88 11.63 12.08
C TYR A 17 -3.40 10.25 11.68
N ILE A 18 -2.47 9.32 11.44
CA ILE A 18 -2.78 8.04 10.81
C ILE A 18 -3.92 7.34 11.56
N VAL A 19 -3.77 7.19 12.88
CA VAL A 19 -4.70 6.40 13.67
C VAL A 19 -6.11 7.00 13.58
N PRO A 20 -6.34 8.26 14.02
CA PRO A 20 -7.69 8.85 13.96
C PRO A 20 -8.20 9.00 12.52
N CYS A 21 -7.28 9.25 11.59
CA CYS A 21 -7.61 9.37 10.18
C CYS A 21 -8.13 8.02 9.65
N MET A 22 -7.52 6.92 10.11
CA MET A 22 -7.89 5.59 9.66
C MET A 22 -9.17 5.13 10.34
N ASN A 23 -9.32 5.45 11.63
CA ASN A 23 -10.45 4.95 12.40
C ASN A 23 -11.74 5.66 11.98
N LYS A 24 -11.62 6.89 11.46
CA LYS A 24 -12.77 7.67 11.05
C LYS A 24 -13.14 7.39 9.59
N HIS A 25 -12.11 7.31 8.72
CA HIS A 25 -12.33 7.27 7.27
C HIS A 25 -11.99 5.91 6.67
N GLY A 26 -11.09 5.15 7.31
CA GLY A 26 -10.61 3.89 6.79
C GLY A 26 -9.58 4.06 5.67
N ILE A 27 -9.16 5.31 5.44
CA ILE A 27 -8.22 5.66 4.39
C ILE A 27 -7.36 6.80 4.92
N CYS A 28 -6.06 6.74 4.65
CA CYS A 28 -5.14 7.77 5.11
C CYS A 28 -4.01 7.96 4.10
N VAL A 29 -3.74 9.22 3.74
CA VAL A 29 -2.69 9.54 2.77
C VAL A 29 -1.57 10.29 3.48
N VAL A 30 -0.33 9.86 3.21
CA VAL A 30 0.86 10.54 3.71
C VAL A 30 1.77 10.86 2.53
N ASP A 31 1.67 12.10 2.03
CA ASP A 31 2.53 12.60 0.96
C ASP A 31 3.92 12.86 1.53
N ASP A 32 4.94 12.83 0.65
CA ASP A 32 6.31 13.18 1.00
C ASP A 32 6.76 12.29 2.15
N PHE A 33 6.77 10.99 1.90
CA PHE A 33 7.05 10.01 2.94
C PHE A 33 8.55 9.99 3.26
N LEU A 34 9.38 9.83 2.23
CA LEU A 34 10.82 9.63 2.41
C LEU A 34 11.66 10.74 1.77
N GLY A 35 11.02 11.64 1.00
CA GLY A 35 11.74 12.71 0.32
C GLY A 35 12.18 12.31 -1.08
N LYS A 36 12.60 13.31 -1.88
CA LYS A 36 12.87 13.13 -3.30
C LYS A 36 13.99 12.12 -3.51
N GLU A 37 15.13 12.36 -2.85
CA GLU A 37 16.35 11.57 -3.05
C GLU A 37 16.08 10.12 -2.66
N THR A 38 15.47 9.92 -1.49
CA THR A 38 15.20 8.59 -0.97
C THR A 38 14.23 7.85 -1.89
N GLY A 39 13.20 8.56 -2.37
CA GLY A 39 12.18 7.98 -3.23
C GLY A 39 12.74 7.53 -4.58
N GLN A 40 13.53 8.39 -5.22
CA GLN A 40 14.04 8.12 -6.56
C GLN A 40 15.03 6.95 -6.52
N GLN A 41 15.71 6.77 -5.38
CA GLN A 41 16.60 5.64 -5.20
C GLN A 41 15.78 4.34 -5.17
N ILE A 42 14.67 4.35 -4.43
CA ILE A 42 13.75 3.22 -4.42
C ILE A 42 13.20 3.02 -5.81
N GLY A 43 12.88 4.13 -6.49
CA GLY A 43 12.42 4.10 -7.87
C GLY A 43 13.46 3.46 -8.79
N ASP A 44 14.72 3.82 -8.61
CA ASP A 44 15.81 3.31 -9.43
C ASP A 44 16.05 1.83 -9.13
N GLU A 45 15.92 1.45 -7.85
CA GLU A 45 16.09 0.05 -7.44
C GLU A 45 15.05 -0.83 -8.13
N VAL A 46 13.83 -0.31 -8.32
CA VAL A 46 12.74 -1.06 -8.93
C VAL A 46 12.98 -1.15 -10.45
N ARG A 47 13.35 -0.02 -11.06
CA ARG A 47 13.59 0.04 -12.49
C ARG A 47 14.68 -0.95 -12.90
N ALA A 48 15.68 -1.13 -12.02
CA ALA A 48 16.79 -2.03 -12.27
C ALA A 48 16.29 -3.47 -12.37
N LEU A 49 15.44 -3.88 -11.41
CA LEU A 49 14.92 -5.25 -11.34
C LEU A 49 14.05 -5.54 -12.56
N HIS A 50 13.30 -4.52 -13.00
CA HIS A 50 12.42 -4.62 -14.16
C HIS A 50 13.22 -4.96 -15.41
N ASP A 51 14.29 -4.18 -15.66
CA ASP A 51 15.05 -4.26 -16.90
C ASP A 51 15.88 -5.54 -16.92
N THR A 52 16.75 -5.71 -15.91
CA THR A 52 17.67 -6.82 -15.85
C THR A 52 16.92 -8.10 -15.45
N GLY A 53 16.57 -8.19 -14.16
CA GLY A 53 15.98 -9.40 -13.60
C GLY A 53 16.79 -9.93 -12.42
N LYS A 54 18.10 -9.65 -12.42
CA LYS A 54 19.00 -10.00 -11.32
C LYS A 54 19.03 -11.52 -11.13
N ILE A 76 5.39 -8.32 -10.91
CA ILE A 76 4.70 -8.76 -9.65
C ILE A 76 5.56 -9.81 -8.97
N THR A 77 6.46 -9.35 -8.09
CA THR A 77 7.42 -10.19 -7.41
C THR A 77 7.55 -9.75 -5.95
N TRP A 78 7.81 -10.72 -5.06
CA TRP A 78 7.95 -10.46 -3.64
C TRP A 78 9.40 -10.10 -3.33
N ILE A 79 9.58 -9.03 -2.54
CA ILE A 79 10.90 -8.62 -2.06
C ILE A 79 10.90 -8.70 -0.53
N GLU A 80 11.88 -9.44 -0.01
CA GLU A 80 12.02 -9.66 1.43
C GLU A 80 12.51 -8.38 2.10
N GLY A 81 13.44 -7.68 1.44
CA GLY A 81 13.94 -6.40 1.91
C GLY A 81 15.46 -6.36 2.09
N LYS A 82 16.10 -7.54 2.10
CA LYS A 82 17.52 -7.66 2.37
C LYS A 82 18.22 -8.37 1.22
N GLU A 83 17.92 -7.94 -0.02
CA GLU A 83 18.57 -8.49 -1.20
C GLU A 83 19.59 -7.49 -1.72
N PRO A 84 20.56 -7.93 -2.56
CA PRO A 84 21.46 -7.01 -3.27
C PRO A 84 20.70 -6.13 -4.27
N GLY A 85 20.68 -4.82 -3.99
CA GLY A 85 20.01 -3.86 -4.85
C GLY A 85 18.57 -3.57 -4.42
N CYS A 86 18.25 -3.93 -3.16
CA CYS A 86 16.92 -3.73 -2.60
C CYS A 86 17.03 -3.17 -1.18
N GLU A 87 18.03 -2.32 -0.95
CA GLU A 87 18.32 -1.83 0.39
C GLU A 87 17.33 -0.74 0.77
N THR A 88 17.11 0.22 -0.13
CA THR A 88 16.24 1.35 0.14
C THR A 88 14.77 0.91 0.09
N ILE A 89 14.49 -0.22 -0.58
CA ILE A 89 13.19 -0.87 -0.49
C ILE A 89 12.99 -1.35 0.94
N GLY A 90 14.04 -1.94 1.53
CA GLY A 90 14.02 -2.40 2.91
C GLY A 90 13.83 -1.25 3.91
N LEU A 91 14.42 -0.08 3.60
CA LEU A 91 14.26 1.12 4.40
C LEU A 91 12.81 1.56 4.40
N LEU A 92 12.23 1.62 3.20
CA LEU A 92 10.81 1.91 3.01
C LEU A 92 9.97 0.99 3.90
N MET A 93 10.25 -0.31 3.81
CA MET A 93 9.50 -1.32 4.54
C MET A 93 9.67 -1.08 6.05
N SER A 94 10.91 -0.86 6.48
CA SER A 94 11.22 -0.61 7.88
C SER A 94 10.49 0.65 8.35
N SER A 95 10.51 1.69 7.49
CA SER A 95 9.79 2.92 7.78
C SER A 95 8.30 2.63 7.90
N MET A 96 7.76 1.92 6.89
CA MET A 96 6.38 1.45 6.89
C MET A 96 6.08 0.75 8.22
N ASP A 97 6.93 -0.21 8.58
CA ASP A 97 6.74 -1.00 9.80
C ASP A 97 6.72 -0.10 11.02
N ASP A 98 7.70 0.81 11.09
CA ASP A 98 7.89 1.65 12.27
C ASP A 98 6.62 2.43 12.58
N LEU A 99 5.98 2.95 11.52
CA LEU A 99 4.73 3.69 11.66
C LEU A 99 3.65 2.79 12.24
N ILE A 100 3.61 1.53 11.79
CA ILE A 100 2.61 0.58 12.25
C ILE A 100 2.85 0.28 13.74
N ARG A 101 4.11 0.15 14.14
CA ARG A 101 4.46 -0.05 15.55
C ARG A 101 3.91 1.11 16.37
N HIS A 102 4.20 2.34 15.92
CA HIS A 102 3.90 3.55 16.68
C HIS A 102 2.40 3.78 16.83
N CYS A 103 1.59 3.08 16.04
CA CYS A 103 0.14 3.14 16.18
C CYS A 103 -0.30 2.45 17.47
N ASN A 104 0.58 1.62 18.04
CA ASN A 104 0.40 1.06 19.38
C ASN A 104 -0.88 0.23 19.45
N GLY A 105 -1.21 -0.45 18.35
CA GLY A 105 -2.42 -1.26 18.28
C GLY A 105 -3.69 -0.43 18.52
N LYS A 106 -3.74 0.77 17.92
CA LYS A 106 -4.90 1.65 18.04
C LYS A 106 -5.56 1.83 16.67
N LEU A 107 -5.18 0.98 15.69
CA LEU A 107 -5.88 0.88 14.42
C LEU A 107 -6.99 -0.16 14.55
N GLY A 108 -8.23 0.30 14.69
CA GLY A 108 -9.34 -0.57 14.98
C GLY A 108 -9.12 -1.33 16.29
N SER A 109 -9.18 -2.66 16.22
CA SER A 109 -8.83 -3.51 17.34
C SER A 109 -7.90 -4.63 16.86
N TYR A 110 -7.06 -4.29 15.87
CA TYR A 110 -6.20 -5.27 15.22
C TYR A 110 -4.90 -5.43 16.01
N LYS A 111 -4.43 -6.68 16.11
CA LYS A 111 -3.10 -6.97 16.61
C LYS A 111 -2.20 -7.29 15.42
N ILE A 112 -1.51 -6.25 14.92
CA ILE A 112 -0.63 -6.41 13.77
C ILE A 112 0.70 -6.97 14.27
N ASN A 113 0.92 -8.27 14.03
CA ASN A 113 2.09 -8.97 14.52
C ASN A 113 2.90 -9.51 13.33
N GLY A 114 2.62 -9.00 12.13
CA GLY A 114 3.28 -9.47 10.92
C GLY A 114 2.72 -8.83 9.66
N ARG A 115 3.32 -9.17 8.51
CA ARG A 115 2.90 -8.64 7.23
C ARG A 115 3.42 -9.54 6.10
N THR A 116 2.98 -9.23 4.88
CA THR A 116 3.50 -9.86 3.68
C THR A 116 4.86 -9.25 3.34
N LYS A 117 5.53 -9.85 2.35
CA LYS A 117 6.65 -9.21 1.68
C LYS A 117 6.11 -8.06 0.83
N ALA A 118 7.01 -7.20 0.34
CA ALA A 118 6.64 -6.07 -0.49
C ALA A 118 6.40 -6.55 -1.92
N MET A 119 5.20 -6.27 -2.45
CA MET A 119 4.88 -6.59 -3.83
C MET A 119 5.34 -5.43 -4.72
N VAL A 120 6.43 -5.67 -5.47
CA VAL A 120 6.95 -4.69 -6.41
C VAL A 120 6.36 -4.99 -7.79
N ALA A 121 5.47 -4.10 -8.26
CA ALA A 121 4.73 -4.33 -9.48
C ALA A 121 4.94 -3.17 -10.46
N CYS A 122 4.86 -3.50 -11.75
CA CYS A 122 4.85 -2.54 -12.83
C CYS A 122 3.45 -2.55 -13.46
N TYR A 123 2.94 -1.35 -13.76
CA TYR A 123 1.57 -1.19 -14.22
C TYR A 123 1.58 -0.50 -15.59
N PRO A 124 1.32 -1.23 -16.70
CA PRO A 124 1.46 -0.67 -18.04
C PRO A 124 0.62 0.58 -18.32
N GLY A 125 1.06 1.35 -19.32
CA GLY A 125 0.34 2.51 -19.81
C GLY A 125 -0.41 2.19 -21.10
N ASN A 126 -1.23 1.14 -21.07
CA ASN A 126 -1.86 0.58 -22.25
C ASN A 126 -3.37 0.82 -22.19
N GLY A 127 -3.79 1.82 -21.42
CA GLY A 127 -5.20 2.22 -21.35
C GLY A 127 -6.10 1.12 -20.81
N THR A 128 -5.57 0.32 -19.87
CA THR A 128 -6.37 -0.68 -19.16
C THR A 128 -6.43 -0.29 -17.68
N GLY A 129 -7.63 -0.42 -17.10
CA GLY A 129 -7.85 -0.11 -15.70
C GLY A 129 -8.18 -1.38 -14.92
N TYR A 130 -8.19 -1.28 -13.58
CA TYR A 130 -8.40 -2.42 -12.73
C TYR A 130 -9.84 -2.44 -12.25
N VAL A 131 -10.52 -3.57 -12.46
CA VAL A 131 -11.93 -3.72 -12.11
C VAL A 131 -12.09 -3.53 -10.61
N ARG A 132 -13.21 -2.94 -10.20
CA ARG A 132 -13.48 -2.68 -8.80
C ARG A 132 -13.38 -3.97 -8.02
N HIS A 133 -12.63 -3.94 -6.92
CA HIS A 133 -12.36 -5.15 -6.14
C HIS A 133 -12.16 -4.80 -4.69
N VAL A 134 -12.20 -5.84 -3.84
CA VAL A 134 -11.75 -5.78 -2.47
C VAL A 134 -10.44 -6.58 -2.39
N ASP A 135 -9.43 -6.01 -1.74
CA ASP A 135 -8.12 -6.64 -1.66
C ASP A 135 -8.24 -7.94 -0.84
N ASN A 136 -8.87 -7.87 0.34
CA ASN A 136 -9.08 -9.05 1.18
C ASN A 136 -10.58 -9.30 1.36
N PRO A 137 -11.24 -10.04 0.43
CA PRO A 137 -12.67 -10.30 0.54
C PRO A 137 -13.09 -11.46 1.47
N ASN A 138 -12.19 -12.43 1.69
CA ASN A 138 -12.57 -13.67 2.37
C ASN A 138 -11.74 -13.88 3.63
N GLY A 139 -11.43 -12.78 4.34
CA GLY A 139 -10.80 -12.86 5.65
C GLY A 139 -9.58 -13.76 5.69
N ASP A 140 -8.57 -13.44 4.85
CA ASP A 140 -7.37 -14.25 4.77
C ASP A 140 -6.34 -13.77 5.79
N GLY A 141 -6.61 -12.63 6.45
CA GLY A 141 -5.76 -12.15 7.53
C GLY A 141 -5.27 -10.71 7.34
N ARG A 142 -5.35 -10.20 6.10
CA ARG A 142 -4.82 -8.88 5.78
C ARG A 142 -5.82 -7.81 6.21
N CYS A 143 -5.41 -6.94 7.15
CA CYS A 143 -6.28 -5.92 7.71
C CYS A 143 -5.99 -4.53 7.14
N VAL A 144 -4.75 -4.29 6.69
CA VAL A 144 -4.36 -2.97 6.20
C VAL A 144 -3.56 -3.12 4.91
N THR A 145 -4.05 -2.46 3.85
CA THR A 145 -3.27 -2.29 2.62
C THR A 145 -2.41 -1.04 2.75
N CYS A 146 -1.14 -1.17 2.36
CA CYS A 146 -0.20 -0.08 2.45
C CYS A 146 0.56 0.03 1.13
N ILE A 147 0.43 1.18 0.45
CA ILE A 147 0.93 1.35 -0.91
C ILE A 147 1.82 2.57 -0.98
N TYR A 148 2.97 2.43 -1.66
CA TYR A 148 3.90 3.52 -1.91
C TYR A 148 4.06 3.68 -3.42
N TYR A 149 3.96 4.92 -3.91
CA TYR A 149 3.95 5.21 -5.34
C TYR A 149 5.29 5.82 -5.75
N LEU A 150 5.75 5.46 -6.96
CA LEU A 150 7.08 5.80 -7.43
C LEU A 150 7.00 6.50 -8.79
N ASN A 151 6.04 7.41 -8.94
CA ASN A 151 5.76 8.03 -10.24
C ASN A 151 6.13 9.51 -10.16
N LYS A 152 7.37 9.84 -10.57
CA LYS A 152 7.89 11.19 -10.42
C LYS A 152 7.18 12.12 -11.41
N ASP A 153 6.82 13.32 -10.92
CA ASP A 153 6.19 14.35 -11.72
C ASP A 153 4.99 13.77 -12.47
N TRP A 154 4.23 12.89 -11.79
CA TRP A 154 3.09 12.25 -12.41
C TRP A 154 1.93 13.24 -12.49
N ASP A 155 1.28 13.29 -13.65
CA ASP A 155 0.14 14.16 -13.88
C ASP A 155 -1.03 13.30 -14.40
N ALA A 156 -2.02 13.08 -13.52
CA ALA A 156 -3.13 12.20 -13.82
C ALA A 156 -4.00 12.79 -14.93
N LYS A 157 -3.88 14.11 -15.16
CA LYS A 157 -4.67 14.80 -16.16
C LYS A 157 -4.26 14.40 -17.58
N VAL A 158 -3.01 13.91 -17.73
CA VAL A 158 -2.54 13.42 -19.02
C VAL A 158 -2.31 11.90 -18.96
N SER A 159 -1.87 11.38 -17.80
CA SER A 159 -1.39 10.01 -17.70
C SER A 159 -2.43 9.07 -17.11
N GLY A 160 -3.34 9.60 -16.29
CA GLY A 160 -4.43 8.81 -15.73
C GLY A 160 -4.03 8.02 -14.49
N GLY A 161 -4.61 6.81 -14.35
CA GLY A 161 -4.23 5.87 -13.31
C GLY A 161 -4.72 6.25 -11.92
N ILE A 162 -5.86 6.95 -11.85
CA ILE A 162 -6.40 7.44 -10.60
C ILE A 162 -7.08 6.29 -9.87
N LEU A 163 -6.91 6.25 -8.54
CA LEU A 163 -7.51 5.24 -7.68
C LEU A 163 -8.81 5.80 -7.11
N ARG A 164 -9.92 5.13 -7.41
CA ARG A 164 -11.21 5.47 -6.85
C ARG A 164 -11.58 4.43 -5.80
N ILE A 165 -11.72 4.87 -4.54
CA ILE A 165 -12.10 4.02 -3.42
C ILE A 165 -13.50 4.42 -2.99
N PHE A 166 -14.32 3.42 -2.64
CA PHE A 166 -15.72 3.65 -2.27
C PHE A 166 -15.99 3.18 -0.85
N PRO A 167 -15.65 3.99 0.19
CA PRO A 167 -15.97 3.63 1.58
C PRO A 167 -17.39 3.09 1.73
N GLU A 168 -17.49 1.86 2.24
CA GLU A 168 -18.70 1.05 2.18
C GLU A 168 -19.95 1.88 2.52
N GLY A 169 -19.95 2.52 3.69
CA GLY A 169 -21.17 3.14 4.22
C GLY A 169 -21.09 4.66 4.25
N LYS A 170 -20.65 5.28 3.15
CA LYS A 170 -20.48 6.72 3.09
C LYS A 170 -21.14 7.26 1.83
N ALA A 171 -21.47 8.56 1.87
CA ALA A 171 -22.14 9.23 0.76
C ALA A 171 -21.13 9.69 -0.29
N GLN A 172 -19.83 9.60 0.02
CA GLN A 172 -18.81 10.06 -0.91
C GLN A 172 -17.86 8.93 -1.27
N PHE A 173 -17.16 9.12 -2.40
CA PHE A 173 -16.02 8.30 -2.79
C PHE A 173 -14.83 9.24 -3.01
N ALA A 174 -13.63 8.64 -3.14
CA ALA A 174 -12.40 9.40 -3.15
C ALA A 174 -11.53 9.01 -4.34
N ASP A 175 -11.14 10.02 -5.14
CA ASP A 175 -10.15 9.85 -6.18
C ASP A 175 -8.77 10.25 -5.66
N ILE A 176 -7.79 9.39 -5.91
CA ILE A 176 -6.45 9.51 -5.33
C ILE A 176 -5.41 9.23 -6.42
N GLU A 177 -4.59 10.24 -6.73
CA GLU A 177 -3.55 10.12 -7.74
C GLU A 177 -2.43 9.22 -7.21
N PRO A 178 -1.76 8.42 -8.09
CA PRO A 178 -0.58 7.66 -7.69
C PRO A 178 0.66 8.56 -7.71
N LYS A 179 0.69 9.51 -6.78
CA LYS A 179 1.61 10.64 -6.80
C LYS A 179 2.95 10.19 -6.20
N PHE A 180 4.04 10.86 -6.61
CA PHE A 180 5.37 10.47 -6.20
C PHE A 180 5.55 10.64 -4.69
N ASP A 181 6.22 9.66 -4.08
CA ASP A 181 6.58 9.71 -2.66
C ASP A 181 5.32 9.81 -1.81
N ARG A 182 4.22 9.24 -2.30
CA ARG A 182 2.96 9.20 -1.57
C ARG A 182 2.80 7.83 -0.93
N LEU A 183 2.31 7.81 0.31
CA LEU A 183 2.01 6.58 1.01
C LEU A 183 0.52 6.56 1.34
N LEU A 184 -0.13 5.43 1.03
CA LEU A 184 -1.58 5.30 1.17
C LEU A 184 -1.90 4.08 2.03
N PHE A 185 -2.75 4.29 3.05
CA PHE A 185 -3.27 3.23 3.89
C PHE A 185 -4.78 3.11 3.68
N PHE A 186 -5.30 1.87 3.68
CA PHE A 186 -6.72 1.63 3.78
C PHE A 186 -6.99 0.21 4.27
N TRP A 187 -8.18 -0.01 4.86
CA TRP A 187 -8.62 -1.34 5.25
C TRP A 187 -8.72 -2.23 4.01
N SER A 188 -8.10 -3.41 4.06
CA SER A 188 -8.05 -4.34 2.94
C SER A 188 -9.40 -5.02 2.70
N ASP A 189 -10.32 -4.92 3.67
CA ASP A 189 -11.53 -5.72 3.67
C ASP A 189 -12.62 -5.02 2.84
N ARG A 190 -13.87 -5.43 3.05
CA ARG A 190 -14.99 -5.05 2.19
C ARG A 190 -15.36 -3.57 2.35
N ARG A 191 -14.76 -2.88 3.33
CA ARG A 191 -15.06 -1.48 3.56
C ARG A 191 -14.55 -0.61 2.42
N ASN A 192 -13.44 -1.01 1.79
CA ASN A 192 -12.84 -0.21 0.73
C ASN A 192 -12.72 -1.00 -0.57
N PRO A 193 -13.82 -1.17 -1.33
CA PRO A 193 -13.73 -1.55 -2.74
C PRO A 193 -13.05 -0.42 -3.52
N HIS A 194 -12.17 -0.78 -4.45
CA HIS A 194 -11.44 0.20 -5.21
C HIS A 194 -11.31 -0.25 -6.67
N GLU A 195 -11.32 0.73 -7.57
CA GLU A 195 -10.96 0.53 -8.97
C GLU A 195 -9.87 1.55 -9.31
N VAL A 196 -9.13 1.29 -10.39
CA VAL A 196 -8.11 2.20 -10.87
C VAL A 196 -8.40 2.52 -12.33
N GLN A 197 -8.38 3.82 -12.66
CA GLN A 197 -8.71 4.25 -14.00
C GLN A 197 -7.56 3.89 -14.94
N PRO A 198 -7.80 3.77 -16.25
CA PRO A 198 -6.73 3.47 -17.20
C PRO A 198 -5.59 4.49 -17.15
N ALA A 199 -4.38 4.02 -17.47
CA ALA A 199 -3.21 4.89 -17.53
C ALA A 199 -2.59 4.82 -18.91
N TYR A 200 -1.89 5.90 -19.29
CA TYR A 200 -1.28 6.02 -20.59
C TYR A 200 0.21 6.31 -20.42
N ALA A 201 0.79 5.65 -19.41
CA ALA A 201 2.22 5.66 -19.13
C ALA A 201 2.49 4.64 -18.03
N THR A 202 3.61 3.91 -18.16
CA THR A 202 3.92 2.81 -17.26
C THR A 202 4.10 3.34 -15.84
N ARG A 203 3.65 2.56 -14.85
CA ARG A 203 3.63 2.98 -13.45
C ARG A 203 4.35 1.96 -12.58
N TYR A 204 4.89 2.43 -11.45
CA TYR A 204 5.54 1.59 -10.46
C TYR A 204 4.99 1.91 -9.08
N ALA A 205 4.70 0.87 -8.30
CA ALA A 205 4.23 1.02 -6.94
C ALA A 205 4.62 -0.21 -6.13
N ILE A 206 4.88 0.00 -4.84
CA ILE A 206 5.18 -1.08 -3.92
C ILE A 206 4.01 -1.21 -2.95
N THR A 207 3.56 -2.45 -2.74
CA THR A 207 2.40 -2.70 -1.89
C THR A 207 2.79 -3.66 -0.76
N VAL A 208 2.30 -3.37 0.44
CA VAL A 208 2.46 -4.25 1.59
C VAL A 208 1.10 -4.43 2.25
N TRP A 209 0.84 -5.65 2.73
CA TRP A 209 -0.37 -5.98 3.47
C TRP A 209 0.02 -6.42 4.88
N TYR A 210 -0.54 -5.73 5.88
CA TYR A 210 -0.30 -6.05 7.28
C TYR A 210 -1.38 -7.00 7.78
N PHE A 211 -0.96 -8.02 8.55
CA PHE A 211 -1.82 -9.08 9.02
C PHE A 211 -2.37 -8.76 10.42
N ASP A 212 -3.64 -9.12 10.66
CA ASP A 212 -4.16 -9.22 12.01
C ASP A 212 -3.81 -10.61 12.55
N ALA A 213 -3.46 -10.68 13.85
CA ALA A 213 -2.94 -11.89 14.45
C ALA A 213 -4.02 -12.98 14.51
N ASP A 214 -5.18 -12.62 15.07
CA ASP A 214 -6.29 -13.56 15.23
C ASP A 214 -6.82 -13.97 13.87
N GLU A 215 -7.04 -12.99 12.98
CA GLU A 215 -7.63 -13.25 11.67
C GLU A 215 -6.73 -14.16 10.83
N ARG A 216 -5.41 -13.89 10.88
CA ARG A 216 -4.46 -14.67 10.10
C ARG A 216 -4.36 -16.09 10.67
N ALA A 217 -4.49 -16.21 11.99
CA ALA A 217 -4.45 -17.50 12.66
C ALA A 217 -5.63 -18.37 12.23
N ARG A 218 -6.83 -17.78 12.20
CA ARG A 218 -8.05 -18.51 11.91
C ARG A 218 -8.11 -18.95 10.44
N ALA A 219 -7.46 -18.18 9.55
CA ALA A 219 -7.45 -18.49 8.13
C ALA A 219 -6.54 -19.68 7.85
N LYS A 220 -5.45 -19.77 8.62
CA LYS A 220 -4.49 -20.86 8.47
C LYS A 220 -5.14 -22.18 8.85
N VAL A 221 -5.80 -22.22 10.02
CA VAL A 221 -6.45 -23.43 10.48
C VAL A 221 -7.63 -23.75 9.57
N LYS A 222 -8.34 -22.72 9.09
CA LYS A 222 -9.47 -22.89 8.21
C LYS A 222 -9.05 -23.62 6.94
N TYR A 223 -7.92 -23.20 6.37
CA TYR A 223 -7.40 -23.79 5.15
C TYR A 223 -7.05 -25.27 5.38
N LEU A 224 -6.35 -25.54 6.49
CA LEU A 224 -5.87 -26.88 6.79
C LEU A 224 -7.02 -27.78 7.21
N THR A 225 -7.95 -27.25 8.02
CA THR A 225 -9.09 -28.02 8.48
C THR A 225 -10.11 -28.19 7.35
N GLY A 226 -10.19 -27.18 6.46
CA GLY A 226 -11.14 -27.18 5.36
C GLY A 226 -12.35 -26.28 5.64
#